data_2YJL
#
_entry.id   2YJL
#
_cell.length_a   124.155
_cell.length_b   48.358
_cell.length_c   71.602
_cell.angle_alpha   90.00
_cell.angle_beta   96.92
_cell.angle_gamma   90.00
#
_symmetry.space_group_name_H-M   'C 1 2 1'
#
loop_
_entity.id
_entity.type
_entity.pdbx_description
1 polymer 'EXOENZYME S SYNTHESIS PROTEIN B'
2 non-polymer 'SULFATE ION'
3 non-polymer 'NICKEL (II) ION'
4 water water
#
_entity_poly.entity_id   1
_entity_poly.type   'polypeptide(L)'
_entity_poly.pdbx_seq_one_letter_code
;VSQPAPMSPKVTVGGSVGGVSLQARQAQLRLRLYAVVQGRMQTIAERRYRVSGLPLRYAFDLEVDRLEGEALYLRTELSW
VGVAAVQASAWQQVAAGVDERVRLVRRDCFPNCTAARPEERSGND
;
_entity_poly.pdbx_strand_id   A,B,C
#
# COMPACT_ATOMS: atom_id res chain seq x y z
N SER A 8 -5.79 6.01 18.86
CA SER A 8 -6.80 5.80 17.78
C SER A 8 -6.21 6.14 16.40
N PRO A 9 -5.36 5.25 15.85
CA PRO A 9 -4.66 5.55 14.61
C PRO A 9 -5.61 5.75 13.42
N LYS A 10 -5.25 6.67 12.53
CA LYS A 10 -6.12 7.12 11.47
C LYS A 10 -5.44 6.95 10.12
N VAL A 11 -6.24 6.70 9.09
CA VAL A 11 -5.80 6.82 7.72
CA VAL A 11 -5.80 6.83 7.72
C VAL A 11 -6.67 7.85 7.01
N THR A 12 -6.17 8.37 5.89
CA THR A 12 -6.84 9.47 5.21
C THR A 12 -7.55 8.91 3.99
N VAL A 13 -8.83 9.22 3.83
CA VAL A 13 -9.50 9.05 2.57
C VAL A 13 -9.59 10.44 1.98
N GLY A 14 -8.90 10.66 0.87
CA GLY A 14 -8.85 11.99 0.29
C GLY A 14 -8.51 11.97 -1.18
N GLY A 15 -8.49 13.17 -1.78
CA GLY A 15 -8.31 13.30 -3.21
C GLY A 15 -8.61 14.71 -3.66
N SER A 16 -8.99 14.85 -4.92
N SER A 16 -9.05 14.85 -4.90
CA SER A 16 -9.38 16.14 -5.47
CA SER A 16 -9.39 16.16 -5.43
C SER A 16 -10.74 16.04 -6.15
C SER A 16 -10.71 16.07 -6.18
N VAL A 17 -11.53 17.11 -6.04
CA VAL A 17 -12.78 17.23 -6.80
C VAL A 17 -12.65 18.25 -7.92
N GLY A 18 -13.00 17.84 -9.13
CA GLY A 18 -12.83 18.65 -10.33
C GLY A 18 -13.94 18.33 -11.35
N GLY A 19 -13.82 18.91 -12.54
CA GLY A 19 -14.52 18.38 -13.72
C GLY A 19 -15.69 19.25 -14.16
N VAL A 20 -16.05 20.23 -13.34
CA VAL A 20 -16.94 21.33 -13.73
C VAL A 20 -16.19 22.65 -13.51
N SER A 21 -16.46 23.66 -14.34
CA SER A 21 -16.00 25.03 -14.12
C SER A 21 -17.03 25.86 -13.35
N LEU A 22 -16.65 26.38 -12.18
CA LEU A 22 -17.57 27.21 -11.39
C LEU A 22 -17.59 28.66 -11.85
N GLN A 23 -16.51 29.10 -12.48
CA GLN A 23 -16.45 30.48 -12.98
C GLN A 23 -16.82 31.50 -11.90
N ALA A 24 -16.16 31.38 -10.75
CA ALA A 24 -16.26 32.32 -9.62
C ALA A 24 -17.57 32.31 -8.85
N ARG A 25 -18.52 31.44 -9.22
CA ARG A 25 -19.73 31.29 -8.43
C ARG A 25 -19.55 30.54 -7.11
N GLN A 26 -20.02 31.17 -6.05
CA GLN A 26 -19.97 30.61 -4.70
CA GLN A 26 -19.90 30.58 -4.72
C GLN A 26 -20.73 29.30 -4.66
N ALA A 27 -20.08 28.24 -4.20
CA ALA A 27 -20.61 26.90 -4.25
C ALA A 27 -20.31 26.16 -2.94
N GLN A 28 -20.99 25.04 -2.78
CA GLN A 28 -20.75 24.13 -1.68
C GLN A 28 -20.51 22.73 -2.25
N LEU A 29 -19.55 22.02 -1.68
CA LEU A 29 -19.38 20.59 -1.97
C LEU A 29 -19.76 19.79 -0.74
N ARG A 30 -20.66 18.82 -0.91
CA ARG A 30 -21.05 17.98 0.20
C ARG A 30 -20.53 16.61 -0.14
N LEU A 31 -19.62 16.11 0.70
CA LEU A 31 -19.00 14.82 0.52
C LEU A 31 -19.46 13.87 1.65
N ARG A 32 -20.16 12.81 1.25
CA ARG A 32 -20.62 11.77 2.19
C ARG A 32 -19.90 10.48 1.86
N LEU A 33 -19.24 9.93 2.87
CA LEU A 33 -18.57 8.65 2.77
C LEU A 33 -19.46 7.55 3.36
N TYR A 34 -19.73 6.54 2.54
CA TYR A 34 -20.59 5.44 2.88
C TYR A 34 -19.77 4.19 3.09
N ALA A 35 -20.28 3.34 3.97
CA ALA A 35 -19.75 2.00 4.14
C ALA A 35 -20.91 1.10 4.53
N VAL A 36 -20.81 -0.18 4.22
CA VAL A 36 -21.76 -1.10 4.82
C VAL A 36 -21.28 -1.55 6.20
N VAL A 37 -22.07 -1.23 7.22
CA VAL A 37 -21.67 -1.56 8.58
C VAL A 37 -22.65 -2.61 9.08
N GLN A 38 -22.12 -3.82 9.31
CA GLN A 38 -22.94 -5.00 9.56
C GLN A 38 -24.12 -5.00 8.60
N GLY A 39 -23.79 -4.99 7.31
CA GLY A 39 -24.76 -5.29 6.25
C GLY A 39 -25.66 -4.15 5.89
N ARG A 40 -25.53 -3.03 6.61
CA ARG A 40 -26.34 -1.86 6.31
C ARG A 40 -25.46 -0.80 5.66
N MET A 41 -25.92 -0.26 4.54
CA MET A 41 -25.28 0.90 3.92
C MET A 41 -25.52 2.19 4.72
N GLN A 42 -24.46 2.79 5.25
CA GLN A 42 -24.58 3.90 6.19
C GLN A 42 -23.57 4.98 5.81
N THR A 43 -23.90 6.23 6.06
CA THR A 43 -22.92 7.30 6.02
C THR A 43 -22.04 7.15 7.25
N ILE A 44 -20.74 7.06 7.04
CA ILE A 44 -19.84 7.01 8.20
C ILE A 44 -19.13 8.33 8.42
N ALA A 45 -19.14 9.19 7.42
CA ALA A 45 -18.57 10.53 7.56
C ALA A 45 -19.11 11.50 6.54
N GLU A 46 -19.07 12.77 6.89
CA GLU A 46 -19.53 13.82 6.00
C GLU A 46 -18.68 15.09 6.21
N ARG A 47 -18.31 15.77 5.11
CA ARG A 47 -17.69 17.11 5.17
C ARG A 47 -18.44 17.98 4.19
N ARG A 48 -18.56 19.27 4.50
CA ARG A 48 -18.95 20.25 3.49
C ARG A 48 -17.84 21.25 3.30
N TYR A 49 -17.60 21.62 2.06
CA TYR A 49 -16.64 22.69 1.76
C TYR A 49 -17.38 23.83 1.06
N ARG A 50 -17.00 25.06 1.38
CA ARG A 50 -17.44 26.21 0.61
CA ARG A 50 -17.43 26.22 0.63
C ARG A 50 -16.31 26.64 -0.32
N VAL A 51 -16.60 26.68 -1.61
CA VAL A 51 -15.58 26.98 -2.63
C VAL A 51 -16.12 27.93 -3.69
N SER A 52 -15.23 28.61 -4.41
CA SER A 52 -15.62 29.42 -5.57
C SER A 52 -14.81 29.07 -6.82
N GLY A 53 -14.12 27.93 -6.78
CA GLY A 53 -13.49 27.37 -7.99
C GLY A 53 -13.04 25.95 -7.70
N LEU A 54 -12.80 25.20 -8.77
CA LEU A 54 -12.34 23.81 -8.66
C LEU A 54 -11.03 23.72 -9.44
N PRO A 55 -10.13 22.80 -9.05
CA PRO A 55 -10.40 21.68 -8.15
C PRO A 55 -10.36 22.04 -6.66
N LEU A 56 -10.89 21.13 -5.84
CA LEU A 56 -10.79 21.22 -4.39
C LEU A 56 -10.15 19.95 -3.85
N ARG A 57 -9.14 20.09 -2.98
CA ARG A 57 -8.54 18.97 -2.27
CA ARG A 57 -8.54 18.97 -2.27
C ARG A 57 -9.38 18.66 -1.02
N TYR A 58 -9.74 17.39 -0.83
CA TYR A 58 -10.52 17.00 0.36
C TYR A 58 -9.79 15.88 1.14
N ALA A 59 -10.17 15.72 2.40
CA ALA A 59 -9.58 14.71 3.29
C ALA A 59 -10.59 14.39 4.39
N PHE A 60 -10.81 13.10 4.61
CA PHE A 60 -11.36 12.62 5.89
C PHE A 60 -10.24 11.86 6.57
N ASP A 61 -9.95 12.19 7.82
CA ASP A 61 -9.04 11.34 8.59
C ASP A 61 -9.85 10.42 9.51
N LEU A 62 -9.87 9.14 9.15
CA LEU A 62 -10.70 8.18 9.85
C LEU A 62 -9.91 7.10 10.59
N GLU A 63 -10.37 6.76 11.80
CA GLU A 63 -9.84 5.62 12.52
C GLU A 63 -9.80 4.36 11.69
N VAL A 64 -8.63 3.73 11.67
CA VAL A 64 -8.46 2.49 10.92
C VAL A 64 -9.39 1.42 11.48
N ASP A 65 -9.70 1.51 12.77
CA ASP A 65 -10.57 0.51 13.41
C ASP A 65 -11.97 0.61 12.78
N ARG A 66 -12.32 1.81 12.33
CA ARG A 66 -13.63 2.02 11.73
CA ARG A 66 -13.62 2.06 11.71
C ARG A 66 -13.64 1.57 10.28
N LEU A 67 -12.49 1.67 9.62
CA LEU A 67 -12.38 1.40 8.19
C LEU A 67 -12.11 -0.07 7.92
N GLU A 68 -11.56 -0.77 8.91
CA GLU A 68 -11.08 -2.12 8.68
C GLU A 68 -12.17 -2.99 8.07
N GLY A 69 -11.86 -3.61 6.93
CA GLY A 69 -12.73 -4.59 6.30
C GLY A 69 -13.84 -4.03 5.43
N GLU A 70 -13.91 -2.71 5.32
CA GLU A 70 -15.06 -1.99 4.75
C GLU A 70 -14.86 -1.58 3.30
N ALA A 71 -15.84 -1.89 2.45
CA ALA A 71 -15.98 -1.13 1.21
C ALA A 71 -16.47 0.27 1.54
N LEU A 72 -15.88 1.26 0.88
CA LEU A 72 -16.22 2.66 1.09
C LEU A 72 -16.69 3.25 -0.21
N TYR A 73 -17.70 4.11 -0.14
CA TYR A 73 -18.23 4.79 -1.32
C TYR A 73 -18.33 6.28 -1.05
N LEU A 74 -17.90 7.09 -2.00
CA LEU A 74 -17.97 8.52 -1.83
C LEU A 74 -19.01 9.14 -2.73
N ARG A 75 -19.92 9.90 -2.10
CA ARG A 75 -20.97 10.60 -2.82
C ARG A 75 -20.63 12.07 -2.75
N THR A 76 -20.44 12.70 -3.91
CA THR A 76 -20.01 14.09 -3.92
C THR A 76 -21.04 14.94 -4.64
N GLU A 77 -21.50 15.99 -3.98
CA GLU A 77 -22.59 16.85 -4.52
C GLU A 77 -22.24 18.33 -4.51
N LEU A 78 -22.26 18.94 -5.71
CA LEU A 78 -22.02 20.37 -5.88
C LEU A 78 -23.36 21.10 -5.85
N SER A 79 -23.45 22.10 -5.00
CA SER A 79 -24.58 23.03 -5.06
C SER A 79 -24.07 24.49 -5.11
N TRP A 80 -24.92 25.40 -5.58
CA TRP A 80 -24.67 26.85 -5.44
C TRP A 80 -25.09 27.33 -4.06
N VAL A 81 -24.27 28.19 -3.44
CA VAL A 81 -24.71 28.83 -2.21
C VAL A 81 -25.92 29.72 -2.51
N GLY A 82 -26.98 29.55 -1.72
CA GLY A 82 -28.22 30.30 -1.90
C GLY A 82 -29.30 29.52 -2.65
N VAL A 83 -28.97 28.29 -3.08
CA VAL A 83 -29.93 27.48 -3.84
C VAL A 83 -29.84 26.02 -3.38
N ALA A 84 -30.94 25.51 -2.81
CA ALA A 84 -30.87 24.25 -2.07
C ALA A 84 -31.12 23.09 -3.04
N ALA A 85 -30.19 22.86 -3.96
CA ALA A 85 -30.38 21.89 -5.05
C ALA A 85 -29.03 21.40 -5.56
N VAL A 86 -28.96 20.13 -5.93
CA VAL A 86 -27.73 19.56 -6.48
C VAL A 86 -27.59 20.03 -7.92
N GLN A 87 -26.41 20.49 -8.30
CA GLN A 87 -26.18 20.93 -9.67
C GLN A 87 -25.29 19.94 -10.43
N ALA A 88 -24.44 19.23 -9.70
CA ALA A 88 -23.52 18.28 -10.30
C ALA A 88 -23.17 17.29 -9.20
N SER A 89 -22.82 16.05 -9.57
CA SER A 89 -22.50 15.05 -8.54
C SER A 89 -21.63 13.89 -9.04
N ALA A 90 -21.21 13.03 -8.12
CA ALA A 90 -20.35 11.88 -8.46
C ALA A 90 -20.63 10.80 -7.44
N TRP A 91 -20.47 9.54 -7.84
CA TRP A 91 -20.60 8.43 -6.93
C TRP A 91 -19.57 7.40 -7.32
N GLN A 92 -18.67 7.07 -6.39
CA GLN A 92 -17.66 6.09 -6.72
C GLN A 92 -17.21 5.30 -5.50
N GLN A 93 -16.74 4.08 -5.74
CA GLN A 93 -16.00 3.39 -4.69
C GLN A 93 -14.63 4.05 -4.51
N VAL A 94 -14.19 4.17 -3.26
CA VAL A 94 -12.89 4.74 -2.93
C VAL A 94 -12.19 3.85 -1.91
N ALA A 95 -10.89 4.07 -1.71
CA ALA A 95 -10.13 3.28 -0.75
C ALA A 95 -9.22 4.21 0.04
N ALA A 96 -8.94 3.85 1.28
CA ALA A 96 -8.08 4.69 2.13
C ALA A 96 -6.65 4.72 1.62
N GLY A 97 -6.04 5.90 1.72
CA GLY A 97 -4.60 6.05 1.47
C GLY A 97 -4.33 6.24 0.00
N VAL A 98 -5.39 6.35 -0.79
CA VAL A 98 -5.30 6.54 -2.23
C VAL A 98 -5.73 7.98 -2.57
N ASP A 99 -4.94 8.70 -3.36
CA ASP A 99 -5.38 9.96 -3.95
C ASP A 99 -6.57 9.74 -4.91
N GLU A 100 -7.79 9.99 -4.46
CA GLU A 100 -8.99 9.61 -5.23
C GLU A 100 -9.54 10.80 -6.00
N ARG A 101 -9.50 10.72 -7.33
CA ARG A 101 -10.00 11.80 -8.18
C ARG A 101 -11.49 11.69 -8.37
N VAL A 102 -12.20 12.75 -8.01
CA VAL A 102 -13.64 12.79 -8.14
C VAL A 102 -13.96 13.68 -9.32
N ARG A 103 -14.68 13.13 -10.31
CA ARG A 103 -15.03 13.91 -11.47
C ARG A 103 -16.52 14.19 -11.47
N LEU A 104 -16.90 15.42 -11.14
CA LEU A 104 -18.33 15.81 -11.20
C LEU A 104 -18.98 15.69 -12.58
N VAL A 105 -20.22 15.18 -12.57
CA VAL A 105 -21.03 15.06 -13.79
C VAL A 105 -22.17 16.08 -13.63
N ARG A 106 -22.30 16.99 -14.59
CA ARG A 106 -23.36 18.02 -14.53
C ARG A 106 -24.73 17.35 -14.68
N ARG A 107 -25.73 17.79 -13.92
CA ARG A 107 -27.11 17.38 -14.20
C ARG A 107 -27.55 18.01 -15.51
N ASP A 108 -28.58 17.46 -16.14
CA ASP A 108 -29.12 18.05 -17.36
C ASP A 108 -29.53 19.51 -17.12
N CYS A 109 -29.98 19.82 -15.90
CA CYS A 109 -30.53 21.14 -15.57
C CYS A 109 -29.44 22.15 -15.17
N PHE A 110 -28.21 21.68 -15.05
CA PHE A 110 -27.05 22.52 -14.63
C PHE A 110 -26.85 23.70 -15.58
N PRO A 111 -26.61 24.91 -15.07
CA PRO A 111 -26.36 25.29 -13.68
C PRO A 111 -27.61 25.90 -13.02
N ASN A 112 -28.78 25.57 -13.56
CA ASN A 112 -30.03 26.22 -13.18
C ASN A 112 -31.00 25.29 -12.46
N CYS A 113 -30.52 24.15 -11.97
CA CYS A 113 -31.39 23.27 -11.19
C CYS A 113 -32.01 23.97 -9.96
N THR A 114 -33.16 23.45 -9.54
CA THR A 114 -34.03 24.14 -8.60
C THR A 114 -34.47 23.24 -7.43
N ALA A 115 -34.99 23.86 -6.38
CA ALA A 115 -35.38 23.12 -5.18
C ALA A 115 -36.84 22.68 -5.23
N SER B 8 5.33 -17.51 -6.22
CA SER B 8 5.02 -16.09 -5.81
C SER B 8 5.99 -15.51 -4.77
N PRO B 9 6.93 -14.65 -5.20
CA PRO B 9 8.08 -14.21 -4.40
C PRO B 9 7.71 -13.27 -3.27
N LYS B 10 8.59 -13.16 -2.28
CA LYS B 10 8.29 -12.38 -1.10
C LYS B 10 9.36 -11.33 -0.87
N VAL B 11 8.94 -10.20 -0.30
CA VAL B 11 9.87 -9.20 0.20
CA VAL B 11 9.84 -9.17 0.19
C VAL B 11 9.63 -8.93 1.69
N THR B 12 10.70 -8.60 2.40
CA THR B 12 10.63 -8.33 3.83
C THR B 12 10.17 -6.93 4.17
N VAL B 13 9.16 -6.87 5.02
CA VAL B 13 8.82 -5.66 5.74
C VAL B 13 9.32 -5.76 7.17
N GLY B 14 10.33 -4.99 7.50
CA GLY B 14 11.15 -5.29 8.69
C GLY B 14 11.70 -4.04 9.33
N GLY B 15 12.12 -4.13 10.59
CA GLY B 15 12.85 -3.04 11.22
C GLY B 15 13.11 -3.30 12.68
N SER B 16 13.16 -2.24 13.48
CA SER B 16 13.31 -2.41 14.92
C SER B 16 12.24 -1.63 15.72
N VAL B 17 12.02 -2.06 16.96
CA VAL B 17 11.07 -1.43 17.87
C VAL B 17 11.84 -1.06 19.14
N GLY B 18 11.80 0.22 19.49
CA GLY B 18 12.45 0.73 20.70
C GLY B 18 11.64 1.86 21.29
N GLY B 19 12.20 2.55 22.30
CA GLY B 19 11.64 3.83 22.75
C GLY B 19 11.08 3.86 24.16
N VAL B 20 10.89 2.68 24.75
CA VAL B 20 10.36 2.54 26.09
C VAL B 20 11.30 1.59 26.81
N SER B 21 11.56 1.88 28.08
CA SER B 21 12.41 1.03 28.88
CA SER B 21 12.41 1.03 28.88
C SER B 21 11.53 -0.02 29.54
N LEU B 22 11.91 -1.28 29.41
CA LEU B 22 11.03 -2.34 29.88
C LEU B 22 11.18 -2.45 31.38
N GLN B 23 12.44 -2.41 31.83
CA GLN B 23 12.78 -2.54 33.25
C GLN B 23 12.68 -4.01 33.68
N ALA B 24 13.01 -4.91 32.77
CA ALA B 24 12.78 -6.34 32.96
C ALA B 24 11.40 -6.66 33.57
N ARG B 25 10.46 -5.71 33.44
CA ARG B 25 9.05 -6.03 33.28
C ARG B 25 8.89 -6.99 32.10
N GLN B 26 8.05 -7.99 32.27
CA GLN B 26 7.73 -8.89 31.16
C GLN B 26 6.72 -8.24 30.24
N ALA B 27 7.02 -8.22 28.93
CA ALA B 27 6.19 -7.49 28.00
C ALA B 27 5.76 -8.28 26.77
N GLN B 28 4.72 -7.80 26.10
CA GLN B 28 4.28 -8.37 24.85
C GLN B 28 4.21 -7.26 23.81
N LEU B 29 4.57 -7.61 22.59
CA LEU B 29 4.43 -6.68 21.48
CA LEU B 29 4.42 -6.68 21.48
C LEU B 29 3.48 -7.27 20.44
N ARG B 30 2.51 -6.49 20.02
CA ARG B 30 1.64 -6.86 18.91
C ARG B 30 1.91 -5.96 17.72
N LEU B 31 2.23 -6.54 16.55
CA LEU B 31 2.42 -5.72 15.36
C LEU B 31 1.37 -6.15 14.31
N ARG B 32 0.65 -5.16 13.79
CA ARG B 32 -0.31 -5.33 12.70
C ARG B 32 0.05 -4.45 11.50
N LEU B 33 0.17 -5.09 10.34
CA LEU B 33 0.46 -4.39 9.12
C LEU B 33 -0.83 -4.36 8.29
N TYR B 34 -1.19 -3.15 7.88
CA TYR B 34 -2.43 -2.88 7.17
C TYR B 34 -2.12 -2.50 5.73
N ALA B 35 -2.93 -3.01 4.81
CA ALA B 35 -2.95 -2.46 3.45
C ALA B 35 -4.34 -2.65 2.85
N VAL B 36 -4.59 -2.01 1.70
CA VAL B 36 -5.87 -2.17 1.03
C VAL B 36 -5.82 -3.41 0.17
N VAL B 37 -6.80 -4.28 0.39
CA VAL B 37 -6.99 -5.48 -0.40
CA VAL B 37 -6.98 -5.48 -0.40
C VAL B 37 -8.37 -5.45 -1.01
N GLN B 38 -8.41 -5.54 -2.35
CA GLN B 38 -9.64 -5.32 -3.10
CA GLN B 38 -9.65 -5.35 -3.08
C GLN B 38 -10.52 -4.25 -2.46
N GLY B 39 -9.94 -3.07 -2.24
CA GLY B 39 -10.73 -1.91 -1.83
C GLY B 39 -10.95 -1.73 -0.34
N ARG B 40 -10.74 -2.79 0.44
CA ARG B 40 -10.94 -2.76 1.87
C ARG B 40 -9.61 -2.78 2.64
N MET B 41 -9.48 -1.84 3.56
CA MET B 41 -8.29 -1.80 4.40
C MET B 41 -8.34 -2.98 5.38
N GLN B 42 -7.35 -3.86 5.32
CA GLN B 42 -7.37 -5.10 6.11
C GLN B 42 -6.03 -5.23 6.81
N THR B 43 -5.92 -6.07 7.85
CA THR B 43 -4.61 -6.52 8.29
CA THR B 43 -4.57 -6.54 8.27
C THR B 43 -4.08 -7.56 7.28
N ILE B 44 -2.90 -7.33 6.73
CA ILE B 44 -2.29 -8.30 5.84
C ILE B 44 -1.15 -9.06 6.51
N ALA B 45 -0.75 -8.62 7.71
CA ALA B 45 0.19 -9.40 8.53
C ALA B 45 0.01 -9.05 10.01
N GLU B 46 0.31 -10.00 10.88
CA GLU B 46 0.24 -9.73 12.33
C GLU B 46 1.18 -10.73 13.04
N ARG B 47 2.04 -10.21 13.90
CA ARG B 47 2.98 -11.01 14.69
C ARG B 47 2.78 -10.54 16.14
N ARG B 48 2.89 -11.46 17.08
CA ARG B 48 2.99 -11.12 18.49
C ARG B 48 4.30 -11.66 19.06
N TYR B 49 4.91 -10.88 19.97
CA TYR B 49 6.20 -11.27 20.57
C TYR B 49 6.09 -11.17 22.08
N ARG B 50 6.77 -12.08 22.76
CA ARG B 50 7.08 -11.91 24.19
C ARG B 50 8.50 -11.35 24.28
N VAL B 51 8.63 -10.18 24.89
CA VAL B 51 9.82 -9.36 24.76
C VAL B 51 10.48 -9.34 26.13
N SER B 52 11.77 -9.63 26.17
CA SER B 52 12.56 -9.47 27.38
C SER B 52 13.46 -8.23 27.31
N GLY B 53 13.58 -7.63 26.14
CA GLY B 53 14.32 -6.37 26.05
C GLY B 53 14.12 -5.61 24.77
N LEU B 54 14.43 -4.32 24.82
CA LEU B 54 14.28 -3.48 23.66
C LEU B 54 15.60 -2.76 23.45
N PRO B 55 16.03 -2.57 22.19
CA PRO B 55 15.25 -2.74 20.98
C PRO B 55 15.12 -4.19 20.54
N LEU B 56 14.06 -4.52 19.80
CA LEU B 56 13.97 -5.82 19.16
C LEU B 56 13.78 -5.63 17.66
N ARG B 57 14.14 -6.63 16.87
CA ARG B 57 13.84 -6.57 15.44
C ARG B 57 12.61 -7.39 15.09
N TYR B 58 11.89 -6.93 14.06
CA TYR B 58 10.72 -7.64 13.58
C TYR B 58 10.90 -7.82 12.06
N ALA B 59 10.23 -8.81 11.49
CA ALA B 59 10.30 -9.12 10.04
C ALA B 59 8.92 -9.70 9.68
N PHE B 60 8.40 -9.27 8.54
CA PHE B 60 7.27 -9.95 7.92
C PHE B 60 7.73 -10.22 6.51
N ASP B 61 7.57 -11.45 6.03
CA ASP B 61 7.84 -11.78 4.62
C ASP B 61 6.54 -11.86 3.84
N LEU B 62 6.35 -10.93 2.92
CA LEU B 62 5.06 -10.71 2.27
C LEU B 62 5.18 -10.91 0.74
N GLU B 63 4.17 -11.55 0.15
CA GLU B 63 4.21 -11.77 -1.28
C GLU B 63 4.20 -10.44 -2.00
N VAL B 64 5.04 -10.31 -3.03
CA VAL B 64 5.13 -9.05 -3.79
CA VAL B 64 5.11 -9.03 -3.73
C VAL B 64 3.79 -8.77 -4.46
N ASP B 65 3.12 -9.83 -4.88
CA ASP B 65 1.81 -9.67 -5.49
C ASP B 65 0.84 -9.00 -4.53
N ARG B 66 0.92 -9.33 -3.24
CA ARG B 66 0.07 -8.70 -2.24
C ARG B 66 0.51 -7.25 -1.98
N LEU B 67 1.82 -7.02 -1.97
CA LEU B 67 2.34 -5.67 -1.75
C LEU B 67 2.15 -4.70 -2.92
N GLU B 68 1.99 -5.22 -4.14
CA GLU B 68 2.18 -4.36 -5.30
C GLU B 68 1.16 -3.22 -5.29
N GLY B 69 1.66 -2.00 -5.41
CA GLY B 69 0.82 -0.81 -5.49
C GLY B 69 0.07 -0.44 -4.22
N GLU B 70 0.51 -0.94 -3.06
CA GLU B 70 -0.18 -0.57 -1.81
C GLU B 70 0.70 0.26 -0.90
N ALA B 71 0.16 1.34 -0.33
CA ALA B 71 0.68 1.90 0.92
C ALA B 71 0.50 0.93 2.08
N LEU B 72 1.52 0.85 2.93
CA LEU B 72 1.53 -0.06 4.09
C LEU B 72 1.57 0.75 5.39
N TYR B 73 0.79 0.33 6.38
CA TYR B 73 0.78 1.00 7.67
C TYR B 73 1.03 -0.01 8.77
N LEU B 74 2.00 0.29 9.63
CA LEU B 74 2.33 -0.56 10.75
C LEU B 74 1.82 0.01 12.08
N ARG B 75 1.06 -0.83 12.79
CA ARG B 75 0.52 -0.50 14.14
C ARG B 75 1.21 -1.37 15.21
N THR B 76 1.91 -0.75 16.15
CA THR B 76 2.76 -1.50 17.07
C THR B 76 2.26 -1.19 18.48
N GLU B 77 2.06 -2.21 19.30
CA GLU B 77 1.47 -2.00 20.64
C GLU B 77 2.20 -2.84 21.66
N LEU B 78 2.71 -2.16 22.70
CA LEU B 78 3.35 -2.78 23.86
C LEU B 78 2.37 -2.84 25.04
N SER B 79 2.30 -4.02 25.66
CA SER B 79 1.52 -4.25 26.89
C SER B 79 2.39 -5.08 27.84
N TRP B 80 2.07 -5.06 29.14
CA TRP B 80 2.71 -5.96 30.09
C TRP B 80 2.03 -7.32 30.11
N VAL B 81 2.82 -8.38 30.27
CA VAL B 81 2.28 -9.71 30.52
C VAL B 81 1.40 -9.63 31.76
N GLY B 82 0.17 -10.14 31.67
CA GLY B 82 -0.70 -10.23 32.83
C GLY B 82 -1.74 -9.11 32.85
N VAL B 83 -1.64 -8.18 31.91
CA VAL B 83 -2.62 -7.08 31.81
C VAL B 83 -2.99 -6.78 30.36
N ALA B 84 -4.25 -7.02 29.99
CA ALA B 84 -4.72 -6.74 28.63
C ALA B 84 -4.93 -5.24 28.39
N ALA B 85 -3.88 -4.45 28.45
CA ALA B 85 -4.02 -3.03 28.07
C ALA B 85 -2.76 -2.61 27.34
N VAL B 86 -2.94 -1.88 26.24
CA VAL B 86 -1.84 -1.15 25.61
C VAL B 86 -1.24 -0.16 26.61
N GLN B 87 0.07 -0.22 26.77
CA GLN B 87 0.82 0.76 27.58
C GLN B 87 1.53 1.82 26.72
N ALA B 88 2.00 1.42 25.53
CA ALA B 88 2.71 2.34 24.64
C ALA B 88 2.47 1.86 23.21
N SER B 89 2.48 2.74 22.22
CA SER B 89 2.13 2.30 20.85
C SER B 89 2.79 3.19 19.81
N ALA B 90 2.69 2.78 18.55
CA ALA B 90 3.16 3.58 17.43
C ALA B 90 2.31 3.24 16.21
N TRP B 91 2.32 4.15 15.26
CA TRP B 91 1.51 4.03 14.04
C TRP B 91 2.23 4.83 12.98
N GLN B 92 2.53 4.19 11.87
CA GLN B 92 3.36 4.84 10.87
C GLN B 92 3.22 4.13 9.53
N GLN B 93 3.44 4.87 8.45
CA GLN B 93 3.54 4.22 7.14
C GLN B 93 4.92 3.57 7.03
N VAL B 94 4.99 2.40 6.39
CA VAL B 94 6.27 1.72 6.21
C VAL B 94 6.38 1.23 4.76
N ALA B 95 7.59 1.03 4.29
CA ALA B 95 7.80 0.52 2.94
C ALA B 95 8.57 -0.81 3.01
N ALA B 96 8.22 -1.74 2.14
CA ALA B 96 9.01 -2.97 2.00
C ALA B 96 10.46 -2.68 1.65
N GLY B 97 11.39 -3.40 2.27
CA GLY B 97 12.80 -3.36 1.87
C GLY B 97 13.59 -2.24 2.53
N VAL B 98 12.93 -1.52 3.44
CA VAL B 98 13.54 -0.45 4.23
C VAL B 98 13.67 -0.90 5.69
N ASP B 99 14.74 -0.51 6.37
CA ASP B 99 14.91 -0.79 7.78
C ASP B 99 14.09 0.21 8.60
N GLU B 100 12.87 -0.16 8.95
CA GLU B 100 11.89 0.81 9.47
C GLU B 100 11.87 0.90 11.00
N ARG B 101 12.39 1.99 11.55
CA ARG B 101 12.49 2.17 12.99
C ARG B 101 11.15 2.55 13.59
N VAL B 102 10.77 1.81 14.63
CA VAL B 102 9.53 2.06 15.34
C VAL B 102 9.86 2.65 16.70
N ARG B 103 9.36 3.85 16.98
CA ARG B 103 9.56 4.49 18.27
CA ARG B 103 9.56 4.47 18.28
C ARG B 103 8.25 4.50 19.05
N LEU B 104 8.16 3.65 20.06
CA LEU B 104 6.96 3.61 20.91
C LEU B 104 6.71 4.91 21.65
N VAL B 105 5.43 5.25 21.77
CA VAL B 105 5.03 6.44 22.50
C VAL B 105 4.22 5.98 23.70
N ARG B 106 4.61 6.45 24.87
CA ARG B 106 3.94 6.09 26.12
CA ARG B 106 3.93 6.09 26.12
C ARG B 106 2.55 6.71 26.12
N ARG B 107 1.54 5.88 26.42
CA ARG B 107 0.21 6.42 26.69
C ARG B 107 0.24 7.34 27.90
N ASP B 108 -0.80 8.19 28.00
CA ASP B 108 -1.00 9.06 29.15
C ASP B 108 -1.12 8.35 30.49
N CYS B 109 -1.49 7.07 30.47
CA CYS B 109 -1.57 6.28 31.71
C CYS B 109 -0.37 5.38 31.97
N PHE B 110 0.57 5.33 31.03
CA PHE B 110 1.78 4.47 31.13
C PHE B 110 2.49 4.73 32.47
N PRO B 111 2.99 3.67 33.14
CA PRO B 111 2.95 2.25 32.82
C PRO B 111 1.83 1.49 33.56
N ASN B 112 0.77 2.21 33.93
CA ASN B 112 -0.27 1.67 34.78
C ASN B 112 -1.63 1.60 34.07
N CYS B 113 -1.61 1.63 32.73
CA CYS B 113 -2.86 1.52 31.96
C CYS B 113 -3.57 0.22 32.32
N THR B 114 -4.90 0.28 32.39
CA THR B 114 -5.66 -0.86 32.93
C THR B 114 -6.56 -1.37 31.83
N ALA B 115 -7.01 -2.61 31.98
CA ALA B 115 -7.86 -3.22 30.95
C ALA B 115 -9.38 -2.99 31.16
N ALA B 116 -9.71 -2.04 32.03
CA ALA B 116 -11.09 -1.91 32.49
C ALA B 116 -11.30 -0.57 33.19
N ARG B 117 -12.56 -0.12 33.23
CA ARG B 117 -12.95 1.01 34.06
CA ARG B 117 -12.95 1.01 34.06
C ARG B 117 -13.95 0.59 35.12
N PRO B 118 -14.08 1.40 36.19
CA PRO B 118 -15.12 1.14 37.18
C PRO B 118 -16.49 1.37 36.60
N GLU B 119 -17.46 0.62 37.09
CA GLU B 119 -18.76 0.53 36.47
C GLU B 119 -19.78 0.69 37.59
N GLU B 120 -20.71 1.62 37.40
CA GLU B 120 -21.46 2.19 38.50
C GLU B 120 -22.34 1.18 39.24
N PRO C 9 19.54 11.59 -16.50
CA PRO C 9 20.46 10.58 -17.02
C PRO C 9 20.01 9.18 -16.67
N LYS C 10 20.52 8.20 -17.41
CA LYS C 10 20.12 6.82 -17.26
C LYS C 10 21.31 5.93 -16.89
N VAL C 11 21.01 4.87 -16.14
CA VAL C 11 21.96 3.80 -15.82
CA VAL C 11 21.98 3.81 -15.90
C VAL C 11 21.31 2.48 -16.17
N THR C 12 22.10 1.46 -16.50
CA THR C 12 21.54 0.20 -16.91
C THR C 12 21.42 -0.76 -15.73
N VAL C 13 20.24 -1.34 -15.58
CA VAL C 13 20.13 -2.52 -14.76
C VAL C 13 20.12 -3.72 -15.69
N GLY C 14 21.19 -4.51 -15.64
CA GLY C 14 21.45 -5.46 -16.71
C GLY C 14 22.14 -6.69 -16.14
N GLY C 15 22.15 -7.74 -16.95
CA GLY C 15 22.95 -8.93 -16.70
C GLY C 15 22.58 -10.09 -17.61
N SER C 16 22.68 -11.29 -17.06
CA SER C 16 22.52 -12.49 -17.88
C SER C 16 21.44 -13.36 -17.23
N VAL C 17 20.63 -14.05 -18.03
CA VAL C 17 19.68 -15.06 -17.52
C VAL C 17 20.05 -16.46 -18.03
N GLY C 18 20.18 -17.42 -17.12
CA GLY C 18 20.45 -18.81 -17.52
C GLY C 18 20.02 -19.81 -16.48
N GLY C 19 20.46 -21.06 -16.63
CA GLY C 19 20.35 -22.02 -15.53
C GLY C 19 19.45 -23.20 -15.84
N VAL C 20 18.76 -23.16 -16.99
CA VAL C 20 18.02 -24.34 -17.41
C VAL C 20 18.25 -24.54 -18.89
N SER C 21 18.12 -25.79 -19.34
CA SER C 21 18.36 -26.08 -20.72
C SER C 21 17.04 -26.11 -21.47
N LEU C 22 16.88 -25.25 -22.46
CA LEU C 22 15.67 -25.24 -23.28
C LEU C 22 15.56 -26.42 -24.25
N GLN C 23 16.68 -27.06 -24.56
CA GLN C 23 16.72 -28.12 -25.57
C GLN C 23 16.07 -27.69 -26.90
N ALA C 24 16.36 -26.46 -27.31
CA ALA C 24 15.90 -25.87 -28.57
C ALA C 24 14.43 -25.42 -28.61
N ARG C 25 13.67 -25.77 -27.57
CA ARG C 25 12.29 -25.33 -27.47
CA ARG C 25 12.28 -25.34 -27.41
C ARG C 25 12.23 -23.83 -27.22
N GLN C 26 11.23 -23.20 -27.82
CA GLN C 26 11.12 -21.76 -27.76
C GLN C 26 10.48 -21.36 -26.44
N ALA C 27 11.16 -20.45 -25.75
CA ALA C 27 10.75 -20.10 -24.41
C ALA C 27 10.44 -18.61 -24.39
N GLN C 28 9.54 -18.21 -23.49
CA GLN C 28 9.35 -16.80 -23.25
C GLN C 28 9.86 -16.46 -21.85
N LEU C 29 10.75 -15.47 -21.76
CA LEU C 29 11.21 -14.93 -20.47
C LEU C 29 10.56 -13.58 -20.21
N ARG C 30 9.87 -13.47 -19.07
CA ARG C 30 9.27 -12.20 -18.66
C ARG C 30 10.02 -11.69 -17.44
N LEU C 31 10.54 -10.47 -17.53
CA LEU C 31 11.34 -9.90 -16.44
C LEU C 31 10.60 -8.68 -15.90
N ARG C 32 10.28 -8.69 -14.61
CA ARG C 32 9.78 -7.49 -13.94
C ARG C 32 10.76 -6.95 -12.89
N LEU C 33 11.04 -5.66 -13.00
CA LEU C 33 11.87 -4.98 -12.02
C LEU C 33 10.98 -4.14 -11.11
N TYR C 34 11.10 -4.37 -9.80
CA TYR C 34 10.26 -3.71 -8.79
C TYR C 34 11.13 -2.75 -8.00
N ALA C 35 10.54 -1.62 -7.59
CA ALA C 35 11.07 -0.79 -6.53
C ALA C 35 9.92 -0.06 -5.81
N VAL C 36 10.24 0.57 -4.69
CA VAL C 36 9.25 1.37 -3.99
C VAL C 36 9.14 2.78 -4.57
N VAL C 37 7.92 3.18 -4.91
CA VAL C 37 7.66 4.49 -5.50
C VAL C 37 6.64 5.15 -4.59
N GLN C 38 7.03 6.25 -3.97
CA GLN C 38 6.09 6.97 -3.11
C GLN C 38 5.50 5.98 -2.11
N GLY C 39 6.36 5.22 -1.45
CA GLY C 39 5.95 4.28 -0.41
C GLY C 39 5.42 2.93 -0.87
N ARG C 40 5.17 2.76 -2.16
CA ARG C 40 4.45 1.61 -2.67
C ARG C 40 5.35 0.76 -3.59
N MET C 41 5.40 -0.54 -3.34
CA MET C 41 6.12 -1.42 -4.24
C MET C 41 5.47 -1.45 -5.62
N GLN C 42 6.24 -1.07 -6.63
CA GLN C 42 5.70 -1.04 -8.01
C GLN C 42 6.61 -1.77 -8.98
N THR C 43 6.03 -2.27 -10.07
CA THR C 43 6.80 -2.64 -11.24
C THR C 43 7.32 -1.36 -11.91
N ILE C 44 8.64 -1.15 -11.92
CA ILE C 44 9.24 0.03 -12.54
CA ILE C 44 9.17 0.05 -12.57
C ILE C 44 9.63 -0.20 -14.01
N ALA C 45 9.87 -1.45 -14.34
CA ALA C 45 10.25 -1.81 -15.70
C ALA C 45 9.83 -3.25 -15.98
N GLU C 46 9.65 -3.55 -17.26
CA GLU C 46 9.27 -4.89 -17.69
C GLU C 46 9.74 -5.17 -19.12
N ARG C 47 10.34 -6.33 -19.34
CA ARG C 47 10.74 -6.81 -20.68
CA ARG C 47 10.63 -6.79 -20.70
C ARG C 47 10.28 -8.26 -20.86
N ARG C 48 9.85 -8.61 -22.06
CA ARG C 48 9.63 -9.99 -22.44
C ARG C 48 10.56 -10.32 -23.61
N TYR C 49 11.26 -11.44 -23.50
CA TYR C 49 12.12 -11.97 -24.56
C TYR C 49 11.58 -13.31 -25.02
N ARG C 50 11.81 -13.66 -26.28
CA ARG C 50 11.46 -14.97 -26.81
C ARG C 50 12.72 -15.57 -27.38
N VAL C 51 13.12 -16.74 -26.88
CA VAL C 51 14.41 -17.31 -27.24
C VAL C 51 14.29 -18.80 -27.42
N SER C 52 15.20 -19.38 -28.21
CA SER C 52 15.25 -20.82 -28.41
C SER C 52 16.48 -21.43 -27.76
N GLY C 53 17.19 -20.64 -26.97
CA GLY C 53 18.16 -21.18 -26.02
C GLY C 53 18.60 -20.15 -25.01
N LEU C 54 19.31 -20.60 -23.98
CA LEU C 54 19.92 -19.72 -23.00
C LEU C 54 21.45 -19.93 -23.01
N PRO C 55 22.21 -18.94 -22.52
CA PRO C 55 21.72 -17.77 -21.78
C PRO C 55 21.28 -16.62 -22.69
N LEU C 56 20.59 -15.64 -22.13
CA LEU C 56 20.39 -14.37 -22.83
C LEU C 56 20.83 -13.23 -21.93
N ARG C 57 21.05 -12.07 -22.52
CA ARG C 57 21.32 -10.87 -21.74
CA ARG C 57 21.32 -10.85 -21.76
C ARG C 57 20.03 -10.06 -21.65
N TYR C 58 19.91 -9.27 -20.59
CA TYR C 58 18.81 -8.33 -20.46
C TYR C 58 19.37 -6.98 -20.01
N ALA C 59 18.62 -5.91 -20.28
CA ALA C 59 19.08 -4.57 -19.90
C ALA C 59 17.86 -3.69 -19.79
N PHE C 60 17.77 -2.95 -18.69
CA PHE C 60 16.82 -1.85 -18.57
C PHE C 60 17.64 -0.59 -18.35
N ASP C 61 17.43 0.42 -19.19
CA ASP C 61 18.03 1.72 -18.98
C ASP C 61 17.07 2.59 -18.20
N LEU C 62 17.42 2.91 -16.98
CA LEU C 62 16.48 3.57 -16.11
C LEU C 62 17.04 4.89 -15.61
N GLU C 63 16.15 5.87 -15.45
CA GLU C 63 16.48 7.18 -14.95
C GLU C 63 17.08 7.11 -13.56
N VAL C 64 18.24 7.73 -13.37
CA VAL C 64 18.85 7.77 -12.06
CA VAL C 64 18.85 7.78 -12.06
C VAL C 64 17.85 8.26 -11.00
N ASP C 65 17.07 9.28 -11.33
CA ASP C 65 16.12 9.85 -10.37
C ASP C 65 15.14 8.81 -9.82
N ARG C 66 14.60 7.99 -10.72
N ARG C 66 14.62 7.95 -10.70
CA ARG C 66 13.77 6.84 -10.35
CA ARG C 66 13.74 6.86 -10.27
C ARG C 66 14.49 5.88 -9.41
C ARG C 66 14.45 5.77 -9.46
N LEU C 67 15.72 5.51 -9.77
CA LEU C 67 16.48 4.52 -9.01
C LEU C 67 16.98 5.04 -7.66
N GLU C 68 17.00 6.36 -7.49
CA GLU C 68 17.73 6.97 -6.39
C GLU C 68 17.18 6.53 -5.03
N GLY C 69 18.03 5.98 -4.18
CA GLY C 69 17.64 5.59 -2.82
C GLY C 69 16.84 4.29 -2.73
N GLU C 70 16.80 3.50 -3.80
CA GLU C 70 15.88 2.38 -3.88
C GLU C 70 16.56 1.02 -4.00
N ALA C 71 16.18 0.07 -3.15
CA ALA C 71 16.39 -1.34 -3.46
C ALA C 71 15.59 -1.78 -4.68
N LEU C 72 16.22 -2.58 -5.53
CA LEU C 72 15.61 -3.07 -6.76
C LEU C 72 15.54 -4.59 -6.73
N TYR C 73 14.41 -5.12 -7.18
CA TYR C 73 14.15 -6.55 -7.15
C TYR C 73 13.77 -6.98 -8.56
N LEU C 74 14.38 -8.06 -9.03
CA LEU C 74 14.12 -8.55 -10.37
C LEU C 74 13.42 -9.90 -10.28
N ARG C 75 12.24 -10.01 -10.89
CA ARG C 75 11.45 -11.25 -10.93
C ARG C 75 11.44 -11.75 -12.38
N THR C 76 11.92 -12.97 -12.58
CA THR C 76 12.16 -13.53 -13.91
C THR C 76 11.41 -14.85 -14.03
N GLU C 77 10.60 -14.97 -15.06
CA GLU C 77 9.82 -16.21 -15.26
C GLU C 77 10.01 -16.76 -16.68
N LEU C 78 10.28 -18.07 -16.76
CA LEU C 78 10.38 -18.76 -18.04
C LEU C 78 9.09 -19.56 -18.28
N SER C 79 8.52 -19.43 -19.46
CA SER C 79 7.43 -20.30 -19.89
C SER C 79 7.74 -20.76 -21.31
N TRP C 80 7.11 -21.86 -21.75
CA TRP C 80 7.20 -22.27 -23.16
C TRP C 80 6.21 -21.43 -23.96
N VAL C 81 6.62 -21.00 -25.14
CA VAL C 81 5.70 -20.36 -26.08
C VAL C 81 4.54 -21.32 -26.34
N GLY C 82 3.31 -20.82 -26.22
CA GLY C 82 2.12 -21.63 -26.46
C GLY C 82 1.72 -22.50 -25.29
N VAL C 83 2.42 -22.35 -24.17
CA VAL C 83 1.95 -22.89 -22.89
C VAL C 83 1.94 -21.79 -21.81
N ALA C 84 0.74 -21.43 -21.36
CA ALA C 84 0.54 -20.24 -20.54
C ALA C 84 0.74 -20.53 -19.05
N ALA C 85 1.97 -20.85 -18.67
CA ALA C 85 2.26 -21.43 -17.36
C ALA C 85 3.75 -21.28 -17.07
N VAL C 86 4.09 -20.76 -15.90
CA VAL C 86 5.48 -20.56 -15.54
C VAL C 86 6.13 -21.94 -15.35
N GLN C 87 7.28 -22.17 -15.99
CA GLN C 87 8.03 -23.44 -15.87
C GLN C 87 9.21 -23.34 -14.89
N ALA C 88 9.81 -22.16 -14.82
CA ALA C 88 10.94 -21.95 -13.92
C ALA C 88 11.00 -20.47 -13.64
N SER C 89 11.59 -20.10 -12.50
CA SER C 89 11.59 -18.70 -12.10
C SER C 89 12.79 -18.31 -11.22
N ALA C 90 13.01 -17.02 -11.07
CA ALA C 90 14.03 -16.50 -10.16
C ALA C 90 13.55 -15.19 -9.56
N TRP C 91 14.21 -14.75 -8.50
CA TRP C 91 13.76 -13.59 -7.75
C TRP C 91 14.93 -13.18 -6.87
N GLN C 92 15.45 -11.98 -7.10
CA GLN C 92 16.65 -11.58 -6.40
C GLN C 92 16.71 -10.06 -6.33
N GLN C 93 17.48 -9.53 -5.37
CA GLN C 93 17.80 -8.11 -5.38
C GLN C 93 18.86 -7.88 -6.45
N VAL C 94 18.78 -6.74 -7.15
CA VAL C 94 19.82 -6.36 -8.10
C VAL C 94 20.23 -4.91 -7.88
N ALA C 95 21.41 -4.55 -8.39
CA ALA C 95 21.93 -3.20 -8.19
C ALA C 95 22.24 -2.59 -9.54
N ALA C 96 21.89 -1.32 -9.73
CA ALA C 96 22.18 -0.67 -11.00
C ALA C 96 23.67 -0.69 -11.28
N GLY C 97 24.04 -0.97 -12.53
CA GLY C 97 25.41 -0.85 -12.97
C GLY C 97 26.22 -2.12 -12.79
N VAL C 98 25.64 -3.11 -12.13
CA VAL C 98 26.31 -4.39 -11.88
C VAL C 98 25.82 -5.44 -12.89
N ASP C 99 26.71 -6.27 -13.40
CA ASP C 99 26.32 -7.41 -14.24
CA ASP C 99 26.29 -7.39 -14.23
C ASP C 99 25.69 -8.52 -13.42
N GLU C 100 24.36 -8.56 -13.38
CA GLU C 100 23.65 -9.41 -12.45
C GLU C 100 23.18 -10.72 -13.09
N ARG C 101 23.75 -11.83 -12.63
CA ARG C 101 23.45 -13.15 -13.17
C ARG C 101 22.18 -13.73 -12.58
N VAL C 102 21.22 -14.04 -13.43
CA VAL C 102 20.01 -14.67 -12.96
C VAL C 102 20.16 -16.17 -13.24
N ARG C 103 19.92 -16.99 -12.22
CA ARG C 103 19.83 -18.43 -12.42
C ARG C 103 18.40 -18.89 -12.14
N LEU C 104 17.71 -19.26 -13.22
CA LEU C 104 16.37 -19.82 -13.11
C LEU C 104 16.36 -21.07 -12.23
N VAL C 105 15.31 -21.23 -11.45
CA VAL C 105 15.08 -22.46 -10.69
C VAL C 105 13.86 -23.20 -11.25
N ARG C 106 14.04 -24.45 -11.68
CA ARG C 106 12.92 -25.26 -12.19
C ARG C 106 11.87 -25.47 -11.10
N ARG C 107 10.61 -25.17 -11.39
CA ARG C 107 9.50 -25.66 -10.57
C ARG C 107 9.59 -27.18 -10.63
N ASP C 108 8.92 -27.88 -9.70
CA ASP C 108 8.91 -29.34 -9.71
C ASP C 108 8.27 -29.93 -10.97
N CYS C 109 7.22 -29.29 -11.46
CA CYS C 109 6.54 -29.78 -12.65
C CYS C 109 7.34 -29.60 -13.95
N PHE C 110 8.44 -28.83 -13.90
CA PHE C 110 9.32 -28.64 -15.06
C PHE C 110 9.64 -30.00 -15.69
N PRO C 111 9.53 -30.13 -17.02
CA PRO C 111 9.14 -29.09 -17.97
C PRO C 111 7.68 -29.18 -18.44
N ASN C 112 6.79 -29.77 -17.64
CA ASN C 112 5.40 -29.91 -18.04
C ASN C 112 4.38 -29.30 -17.08
N CYS C 113 4.70 -28.13 -16.53
CA CYS C 113 3.74 -27.36 -15.75
C CYS C 113 2.58 -26.92 -16.64
N THR C 114 1.36 -26.94 -16.11
CA THR C 114 0.18 -26.51 -16.89
C THR C 114 -0.59 -25.38 -16.25
#